data_3F7X
#
_entry.id   3F7X
#
_cell.length_a   53.762
_cell.length_b   74.985
_cell.length_c   36.543
_cell.angle_alpha   90.000
_cell.angle_beta   118.030
_cell.angle_gamma   90.000
#
_symmetry.space_group_name_H-M   'C 1 2 1'
#
loop_
_entity.id
_entity.type
_entity.pdbx_description
1 polymer 'Putative polyketide cyclase'
2 non-polymer 'UNKNOWN LIGAND'
3 non-polymer 1,2-ETHANEDIOL
4 water water
#
_entity_poly.entity_id   1
_entity_poly.type   'polypeptide(L)'
_entity_poly.pdbx_seq_one_letter_code
;(MSE)GSDKIHHHHHHENLYFQG(MSE)TATELVNAYYAAFNAGD(MSE)PAFLALLSEDVIHDINQGERQ(MSE)GKAR
FAAF(MSE)EK(MSE)NRCYRERLADIVV(MSE)QNADGSRAAAEFTVHGQYLADDEGLPTANGQTYVLPAGAFFYIHCG
KIARVTNYYNLNDWVEQVA
;
_entity_poly.pdbx_strand_id   A
#
# COMPACT_ATOMS: atom_id res chain seq x y z
N GLY A 19 2.31 17.98 13.33
CA GLY A 19 3.44 17.71 14.29
C GLY A 19 3.83 16.23 14.45
N THR A 21 5.70 12.71 13.87
CA THR A 21 6.95 12.21 13.34
C THR A 21 6.66 11.33 12.09
N ALA A 22 7.70 11.09 11.31
CA ALA A 22 7.55 10.18 10.16
C ALA A 22 7.04 8.80 10.60
N THR A 23 7.55 8.33 11.73
CA THR A 23 7.12 7.03 12.27
C THR A 23 5.64 7.05 12.58
N GLU A 24 5.19 8.11 13.24
CA GLU A 24 3.79 8.25 13.53
C GLU A 24 2.92 8.34 12.28
N LEU A 25 3.39 9.06 11.28
CA LEU A 25 2.70 9.24 10.03
C LEU A 25 2.52 7.88 9.30
N VAL A 26 3.60 7.11 9.23
CA VAL A 26 3.56 5.79 8.59
C VAL A 26 2.73 4.83 9.42
N ASN A 27 2.84 4.87 10.74
CA ASN A 27 1.94 4.06 11.56
C ASN A 27 0.47 4.40 11.29
N ALA A 28 0.16 5.69 11.14
CA ALA A 28 -1.21 6.09 10.85
C ALA A 28 -1.68 5.59 9.47
N TYR A 29 -0.77 5.62 8.50
CA TYR A 29 -1.02 5.08 7.18
C TYR A 29 -1.43 3.64 7.25
N TYR A 30 -0.66 2.85 7.97
CA TYR A 30 -0.99 1.43 8.08
C TYR A 30 -2.18 1.14 8.97
N ALA A 31 -2.40 1.93 10.04
CA ALA A 31 -3.57 1.79 10.85
C ALA A 31 -4.81 1.99 9.96
N ALA A 32 -4.81 3.02 9.12
CA ALA A 32 -5.91 3.33 8.24
C ALA A 32 -6.11 2.26 7.20
N PHE A 33 -5.01 1.76 6.66
CA PHE A 33 -5.06 0.66 5.71
C PHE A 33 -5.73 -0.56 6.35
N ASN A 34 -5.23 -0.95 7.50
CA ASN A 34 -5.73 -2.14 8.18
C ASN A 34 -7.22 -1.99 8.56
N ALA A 35 -7.64 -0.80 8.97
CA ALA A 35 -9.03 -0.54 9.36
C ALA A 35 -9.95 -0.27 8.17
N GLY A 36 -9.42 -0.20 6.95
CA GLY A 36 -10.19 0.16 5.80
C GLY A 36 -10.76 1.57 5.84
N ASP A 37 -10.05 2.49 6.46
CA ASP A 37 -10.50 3.88 6.64
C ASP A 37 -9.87 4.72 5.54
N PRO A 39 -10.85 7.62 4.04
CA PRO A 39 -10.61 9.04 4.25
C PRO A 39 -9.34 9.33 5.05
N ALA A 40 -9.11 8.57 6.13
CA ALA A 40 -7.93 8.75 6.96
C ALA A 40 -6.67 8.45 6.19
N PHE A 41 -6.72 7.39 5.38
CA PHE A 41 -5.57 6.95 4.58
C PHE A 41 -5.17 8.02 3.56
N LEU A 42 -6.15 8.49 2.79
CA LEU A 42 -5.86 9.43 1.72
C LEU A 42 -5.46 10.81 2.28
N ALA A 43 -5.93 11.15 3.48
CA ALA A 43 -5.61 12.44 4.09
C ALA A 43 -4.13 12.59 4.35
N LEU A 44 -3.43 11.46 4.51
CA LEU A 44 -2.00 11.50 4.82
C LEU A 44 -1.12 11.74 3.61
N LEU A 45 -1.71 11.69 2.43
CA LEU A 45 -0.95 11.76 1.20
C LEU A 45 -0.95 13.16 0.60
N SER A 46 0.16 13.53 -0.03
CA SER A 46 0.17 14.80 -0.71
CA SER A 46 0.28 14.76 -0.82
C SER A 46 -0.69 14.73 -1.97
N GLU A 47 -1.20 15.88 -2.40
CA GLU A 47 -2.00 15.93 -3.64
CA GLU A 47 -2.02 15.90 -3.62
C GLU A 47 -1.26 15.39 -4.85
N ASP A 48 0.07 15.58 -4.88
CA ASP A 48 0.92 15.12 -5.95
C ASP A 48 1.75 13.90 -5.60
N VAL A 49 1.22 13.09 -4.69
CA VAL A 49 1.90 11.87 -4.28
C VAL A 49 2.32 11.01 -5.47
N ILE A 50 3.54 10.50 -5.38
CA ILE A 50 4.08 9.56 -6.35
C ILE A 50 3.86 8.17 -5.80
N HIS A 51 3.25 7.32 -6.61
CA HIS A 51 2.95 5.94 -6.19
C HIS A 51 3.61 4.95 -7.13
N ASP A 52 4.67 4.32 -6.66
CA ASP A 52 5.38 3.32 -7.43
C ASP A 52 4.84 1.96 -7.12
N ILE A 53 3.99 1.47 -8.03
CA ILE A 53 3.29 0.19 -7.98
CA ILE A 53 3.32 0.19 -7.83
C ILE A 53 4.31 -0.93 -8.13
N ASN A 54 4.22 -1.97 -7.32
CA ASN A 54 5.21 -3.04 -7.41
C ASN A 54 5.21 -3.71 -8.78
N GLN A 55 6.35 -3.73 -9.43
CA GLN A 55 6.54 -4.29 -10.74
C GLN A 55 5.71 -3.63 -11.81
N GLY A 56 5.21 -2.43 -11.53
CA GLY A 56 4.29 -1.76 -12.41
C GLY A 56 4.71 -0.34 -12.64
N GLU A 57 3.71 0.47 -12.93
CA GLU A 57 3.86 1.86 -13.31
CA GLU A 57 3.87 1.86 -13.31
C GLU A 57 4.02 2.79 -12.13
N ARG A 58 4.65 3.91 -12.38
CA ARG A 58 4.57 5.06 -11.49
C ARG A 58 3.28 5.78 -11.80
N GLN A 59 2.44 5.93 -10.78
CA GLN A 59 1.19 6.67 -10.89
C GLN A 59 1.28 7.95 -10.07
N GLY A 61 -0.30 11.38 -8.37
CA GLY A 61 -1.39 12.18 -7.85
C GLY A 61 -2.35 11.44 -6.97
N LYS A 62 -2.97 12.20 -6.09
CA LYS A 62 -3.90 11.63 -5.15
CA LYS A 62 -3.90 11.62 -5.14
C LYS A 62 -5.14 11.01 -5.82
N ALA A 63 -5.66 11.65 -6.88
CA ALA A 63 -6.84 11.06 -7.54
C ALA A 63 -6.54 9.65 -8.03
N ARG A 64 -5.38 9.46 -8.62
CA ARG A 64 -5.02 8.12 -9.12
CA ARG A 64 -5.02 8.13 -9.10
C ARG A 64 -4.85 7.17 -7.93
N PHE A 65 -4.30 7.64 -6.82
CA PHE A 65 -4.12 6.77 -5.66
C PHE A 65 -5.48 6.36 -5.09
N ALA A 66 -6.44 7.29 -5.06
CA ALA A 66 -7.79 6.97 -4.58
C ALA A 66 -8.42 5.92 -5.49
N ALA A 67 -8.24 6.06 -6.81
CA ALA A 67 -8.75 5.09 -7.77
C ALA A 67 -8.09 3.73 -7.58
N PHE A 68 -6.79 3.72 -7.32
CA PHE A 68 -6.06 2.48 -7.02
C PHE A 68 -6.65 1.77 -5.81
N GLU A 70 -9.69 2.18 -4.57
CA GLU A 70 -11.03 1.73 -4.89
CA GLU A 70 -11.06 1.66 -4.82
C GLU A 70 -10.98 0.34 -5.56
N LYS A 71 -10.05 0.19 -6.49
CA LYS A 71 -9.90 -1.09 -7.20
CA LYS A 71 -9.90 -1.08 -7.19
C LYS A 71 -9.39 -2.15 -6.25
N ASN A 73 -9.81 -2.31 -3.08
CA ASN A 73 -10.92 -2.66 -2.18
C ASN A 73 -12.01 -3.49 -2.84
N ARG A 74 -12.15 -3.40 -4.15
CA ARG A 74 -13.09 -4.20 -4.96
CA ARG A 74 -13.11 -4.24 -4.86
C ARG A 74 -12.64 -5.66 -4.99
N CYS A 75 -11.33 -5.88 -4.92
CA CYS A 75 -10.73 -7.17 -5.26
C CYS A 75 -10.01 -7.93 -4.14
N TYR A 76 -9.58 -7.25 -3.08
CA TYR A 76 -8.77 -7.86 -2.04
C TYR A 76 -9.20 -7.36 -0.67
N ARG A 77 -8.94 -8.18 0.34
CA ARG A 77 -8.92 -7.67 1.70
CA ARG A 77 -8.98 -7.80 1.77
C ARG A 77 -7.62 -8.12 2.32
N GLU A 78 -6.90 -7.14 2.88
CA GLU A 78 -5.59 -7.41 3.47
C GLU A 78 -5.49 -6.85 4.87
N ARG A 79 -4.72 -7.58 5.69
CA ARG A 79 -4.31 -7.17 7.01
C ARG A 79 -2.80 -7.29 7.07
N LEU A 80 -2.14 -6.24 7.56
CA LEU A 80 -0.70 -6.25 7.65
C LEU A 80 -0.30 -6.52 9.08
N ALA A 81 0.59 -7.47 9.28
CA ALA A 81 1.05 -7.90 10.59
C ALA A 81 2.55 -7.65 10.71
N ASP A 82 3.01 -7.64 11.94
CA ASP A 82 4.45 -7.61 12.16
CA ASP A 82 4.42 -7.51 12.27
C ASP A 82 5.07 -6.33 11.56
N ILE A 83 4.38 -5.19 11.64
CA ILE A 83 4.84 -3.99 10.98
C ILE A 83 6.00 -3.38 11.75
N VAL A 84 7.10 -3.17 11.05
CA VAL A 84 8.29 -2.50 11.58
C VAL A 84 8.50 -1.24 10.75
N VAL A 85 8.44 -0.11 11.40
CA VAL A 85 8.53 1.19 10.79
C VAL A 85 9.80 1.86 11.23
N GLN A 87 12.72 5.28 10.20
CA GLN A 87 12.83 6.56 9.57
C GLN A 87 14.26 7.08 9.64
N ASN A 88 14.55 8.06 8.79
CA ASN A 88 15.80 8.81 8.94
C ASN A 88 15.62 9.88 10.04
N ALA A 89 16.71 10.53 10.47
CA ALA A 89 16.68 11.39 11.62
C ALA A 89 15.73 12.58 11.44
N ASP A 90 15.71 13.17 10.24
CA ASP A 90 14.85 14.36 10.00
C ASP A 90 13.44 14.03 9.58
N GLY A 91 13.13 12.76 9.38
CA GLY A 91 11.76 12.34 9.06
C GLY A 91 11.33 12.62 7.64
N SER A 92 12.26 12.85 6.72
CA SER A 92 11.95 12.95 5.31
C SER A 92 11.85 11.62 4.62
N ARG A 93 12.42 10.58 5.22
CA ARG A 93 12.43 9.25 4.60
C ARG A 93 11.99 8.22 5.65
N ALA A 94 11.27 7.20 5.20
CA ALA A 94 10.82 6.14 6.07
C ALA A 94 10.74 4.85 5.27
N ALA A 95 10.64 3.75 6.00
CA ALA A 95 10.52 2.43 5.41
C ALA A 95 9.69 1.58 6.35
N ALA A 96 8.97 0.62 5.80
CA ALA A 96 8.21 -0.31 6.61
C ALA A 96 8.34 -1.70 5.99
N GLU A 97 8.48 -2.69 6.89
CA GLU A 97 8.44 -4.09 6.49
C GLU A 97 7.35 -4.79 7.29
N PHE A 98 6.66 -5.73 6.69
CA PHE A 98 5.49 -6.36 7.28
C PHE A 98 5.14 -7.63 6.55
N THR A 99 4.17 -8.34 7.12
CA THR A 99 3.62 -9.55 6.53
C THR A 99 2.19 -9.27 6.10
N VAL A 100 1.92 -9.48 4.82
CA VAL A 100 0.58 -9.34 4.26
C VAL A 100 -0.20 -10.63 4.45
N HIS A 101 -1.35 -10.52 5.11
CA HIS A 101 -2.34 -11.57 5.20
C HIS A 101 -3.54 -11.14 4.36
N GLY A 102 -3.82 -11.83 3.29
CA GLY A 102 -4.84 -11.37 2.35
C GLY A 102 -5.79 -12.44 1.91
N GLN A 103 -6.89 -11.97 1.33
CA GLN A 103 -7.84 -12.82 0.66
C GLN A 103 -8.19 -12.17 -0.69
N TYR A 104 -8.16 -12.97 -1.75
CA TYR A 104 -8.42 -12.50 -3.11
C TYR A 104 -9.90 -12.75 -3.41
N LEU A 105 -10.63 -11.64 -3.46
CA LEU A 105 -12.11 -11.67 -3.46
C LEU A 105 -12.76 -11.63 -4.83
N ALA A 106 -12.18 -10.89 -5.77
CA ALA A 106 -12.79 -10.68 -7.06
C ALA A 106 -11.66 -10.46 -8.06
N ASP A 107 -11.89 -10.93 -9.29
CA ASP A 107 -10.85 -10.91 -10.32
C ASP A 107 -10.34 -9.52 -10.50
N ASP A 108 -9.02 -9.39 -10.46
CA ASP A 108 -8.33 -8.15 -10.80
C ASP A 108 -7.76 -8.29 -12.23
N GLU A 109 -7.64 -7.17 -12.91
CA GLU A 109 -7.31 -7.19 -14.33
C GLU A 109 -5.88 -7.67 -14.58
N GLY A 110 -5.72 -8.60 -15.51
CA GLY A 110 -4.37 -9.07 -15.89
C GLY A 110 -3.78 -10.09 -14.97
N LEU A 111 -4.58 -10.62 -14.06
CA LEU A 111 -4.11 -11.49 -12.98
C LEU A 111 -4.91 -12.79 -12.93
N PRO A 112 -4.49 -13.78 -12.11
CA PRO A 112 -5.26 -15.00 -12.00
C PRO A 112 -6.68 -14.77 -11.49
N THR A 113 -7.52 -15.77 -11.72
CA THR A 113 -8.91 -15.74 -11.25
C THR A 113 -8.97 -15.74 -9.72
N ALA A 114 -9.84 -14.93 -9.16
CA ALA A 114 -10.13 -14.91 -7.73
C ALA A 114 -11.24 -15.88 -7.38
N ASN A 115 -11.05 -16.58 -6.27
CA ASN A 115 -12.07 -17.47 -5.71
C ASN A 115 -12.05 -17.51 -4.19
N GLY A 116 -11.56 -16.44 -3.57
CA GLY A 116 -11.47 -16.35 -2.14
C GLY A 116 -10.24 -16.99 -1.54
N GLN A 117 -9.21 -17.18 -2.36
CA GLN A 117 -8.08 -17.83 -1.78
CA GLN A 117 -7.87 -17.71 -1.97
C GLN A 117 -7.29 -16.86 -0.86
N THR A 118 -6.63 -17.46 0.12
CA THR A 118 -5.82 -16.69 1.05
C THR A 118 -4.37 -16.66 0.60
N TYR A 119 -3.64 -15.66 1.04
CA TYR A 119 -2.23 -15.58 0.79
C TYR A 119 -1.55 -14.92 1.95
N VAL A 120 -0.28 -15.24 2.14
CA VAL A 120 0.52 -14.68 3.22
C VAL A 120 1.90 -14.46 2.62
N LEU A 121 2.40 -13.24 2.66
CA LEU A 121 3.78 -13.01 2.16
C LEU A 121 4.35 -11.74 2.70
N PRO A 122 5.69 -11.71 2.83
CA PRO A 122 6.31 -10.49 3.25
C PRO A 122 6.18 -9.41 2.20
N ALA A 123 6.25 -8.16 2.64
CA ALA A 123 6.23 -7.03 1.74
C ALA A 123 6.91 -5.88 2.46
N GLY A 124 7.11 -4.78 1.75
CA GLY A 124 7.67 -3.60 2.38
C GLY A 124 7.31 -2.39 1.54
N ALA A 125 7.63 -1.22 2.07
CA ALA A 125 7.43 0.03 1.37
C ALA A 125 8.47 1.03 1.79
N PHE A 126 8.77 1.93 0.87
CA PHE A 126 9.59 3.08 1.15
C PHE A 126 8.78 4.36 0.92
N PHE A 127 9.09 5.37 1.74
CA PHE A 127 8.36 6.63 1.75
C PHE A 127 9.29 7.81 1.66
N TYR A 128 8.83 8.87 0.97
CA TYR A 128 9.38 10.21 1.06
C TYR A 128 8.27 11.06 1.67
N ILE A 129 8.64 11.87 2.65
CA ILE A 129 7.73 12.70 3.42
C ILE A 129 8.19 14.14 3.31
N HIS A 130 7.24 15.02 3.03
CA HIS A 130 7.54 16.43 2.81
C HIS A 130 6.36 17.25 3.27
N CYS A 131 6.62 18.30 4.02
CA CYS A 131 5.54 19.19 4.45
CA CYS A 131 5.55 19.17 4.58
C CYS A 131 4.53 18.40 5.32
N GLY A 132 4.98 17.39 6.06
CA GLY A 132 4.11 16.60 6.91
C GLY A 132 3.15 15.65 6.21
N LYS A 133 3.36 15.39 4.92
CA LYS A 133 2.55 14.46 4.14
CA LYS A 133 2.56 14.40 4.23
C LYS A 133 3.45 13.44 3.46
N ILE A 134 2.85 12.30 3.15
CA ILE A 134 3.52 11.26 2.37
C ILE A 134 3.48 11.72 0.90
N ALA A 135 4.67 11.99 0.33
CA ALA A 135 4.84 12.47 -1.04
C ALA A 135 5.25 11.38 -2.02
N ARG A 136 5.71 10.24 -1.52
CA ARG A 136 5.99 9.08 -2.34
C ARG A 136 5.77 7.81 -1.50
N VAL A 137 5.10 6.86 -2.13
CA VAL A 137 4.98 5.49 -1.61
C VAL A 137 5.52 4.55 -2.71
N THR A 138 6.54 3.76 -2.37
CA THR A 138 7.09 2.76 -3.28
C THR A 138 6.84 1.40 -2.63
N ASN A 139 6.02 0.60 -3.28
CA ASN A 139 5.61 -0.72 -2.79
C ASN A 139 6.44 -1.86 -3.35
N TYR A 140 6.80 -2.81 -2.50
CA TYR A 140 7.57 -3.95 -2.91
C TYR A 140 7.04 -5.24 -2.29
N TYR A 141 7.06 -6.31 -3.10
CA TYR A 141 6.84 -7.66 -2.66
C TYR A 141 7.23 -8.59 -3.79
N ASN A 142 7.32 -9.87 -3.51
CA ASN A 142 7.62 -10.87 -4.55
C ASN A 142 6.33 -11.25 -5.27
N LEU A 143 6.15 -10.67 -6.45
CA LEU A 143 4.94 -10.91 -7.25
C LEU A 143 4.83 -12.38 -7.68
N ASN A 144 5.98 -12.97 -7.96
CA ASN A 144 5.98 -14.37 -8.36
C ASN A 144 5.46 -15.26 -7.24
N ASP A 145 5.85 -14.95 -6.00
CA ASP A 145 5.35 -15.70 -4.86
C ASP A 145 3.85 -15.51 -4.73
N TRP A 146 3.36 -14.29 -4.86
CA TRP A 146 1.94 -14.07 -4.77
C TRP A 146 1.17 -14.85 -5.84
N VAL A 147 1.63 -14.75 -7.07
CA VAL A 147 0.96 -15.48 -8.16
C VAL A 147 0.95 -16.98 -7.88
N GLU A 148 2.06 -17.53 -7.39
CA GLU A 148 2.15 -18.97 -7.10
CA GLU A 148 2.13 -18.97 -7.09
C GLU A 148 1.11 -19.35 -6.02
N GLN A 149 0.93 -18.45 -5.04
CA GLN A 149 0.00 -18.72 -3.96
C GLN A 149 -1.47 -18.73 -4.42
N VAL A 150 -1.83 -17.95 -5.43
CA VAL A 150 -3.23 -17.79 -5.81
C VAL A 150 -3.58 -18.51 -7.12
N ALA A 151 -2.60 -18.89 -7.94
CA ALA A 151 -2.89 -19.41 -9.29
C ALA A 151 -3.41 -20.82 -9.22
#